data_6MWF
#
_entry.id   6MWF
#
_cell.length_a   117.030
_cell.length_b   67.930
_cell.length_c   60.760
_cell.angle_alpha   90.000
_cell.angle_beta   96.580
_cell.angle_gamma   90.000
#
_symmetry.space_group_name_H-M   'C 1 2 1'
#
loop_
_entity.id
_entity.type
_entity.pdbx_description
1 polymer '2-C-methyl-D-erythritol 2,4-cyclodiphosphate synthase'
2 non-polymer 'ZINC ION'
3 non-polymer 4-amino-N-(pyridin-2-yl)benzenesulfonamide
4 non-polymer 'DIMETHYL SULFOXIDE'
5 non-polymer 'ACETATE ION'
6 water water
#
_entity_poly.entity_id   1
_entity_poly.type   'polypeptide(L)'
_entity_poly.pdbx_seq_one_letter_code
;GPGSMDFRIGQGYDVHQLVPGRPLIIGGVTIPYERGLLGHSDADVLLHAITDALFGAAALGDIGRHFSDTDPRFKGADSR
ALLRECASRVAQAGFAIRNVDSTIIAQAPKLAPHIDAMRANIAADLDLPLDRVNVKAKTNEKLGYLGRGEGIEAQAAALV
VREAAA
;
_entity_poly.pdbx_strand_id   A,B,C
#
# COMPACT_ATOMS: atom_id res chain seq x y z
N MET A 5 -7.98 19.49 -12.24
CA MET A 5 -6.61 19.29 -11.79
C MET A 5 -6.55 18.97 -10.29
N ASP A 6 -7.72 18.85 -9.66
CA ASP A 6 -7.77 18.55 -8.23
C ASP A 6 -7.81 17.03 -8.02
N PHE A 7 -6.66 16.40 -8.24
CA PHE A 7 -6.51 14.96 -8.09
C PHE A 7 -6.35 14.57 -6.62
N ARG A 8 -6.78 13.35 -6.29
CA ARG A 8 -6.61 12.81 -4.94
C ARG A 8 -6.30 11.32 -5.07
N ILE A 9 -5.50 10.80 -4.14
CA ILE A 9 -5.24 9.37 -4.17
CA ILE A 9 -5.12 9.39 -4.11
C ILE A 9 -5.79 8.71 -2.92
N GLY A 10 -6.16 7.43 -3.08
CA GLY A 10 -6.65 6.64 -1.97
C GLY A 10 -6.01 5.26 -2.01
N GLN A 11 -5.96 4.63 -0.84
CA GLN A 11 -5.40 3.28 -0.74
C GLN A 11 -6.28 2.45 0.17
N GLY A 12 -6.32 1.15 -0.09
CA GLY A 12 -7.19 0.27 0.66
C GLY A 12 -6.51 -1.07 0.93
N TYR A 13 -6.94 -1.69 2.03
CA TYR A 13 -6.43 -2.97 2.49
C TYR A 13 -7.61 -3.77 3.02
N ASP A 14 -7.62 -5.08 2.77
CA ASP A 14 -8.60 -5.90 3.46
C ASP A 14 -8.06 -7.33 3.56
N VAL A 15 -8.58 -8.07 4.54
CA VAL A 15 -8.25 -9.48 4.69
C VAL A 15 -9.47 -10.18 5.25
N HIS A 16 -9.69 -11.43 4.82
CA HIS A 16 -10.72 -12.28 5.39
C HIS A 16 -10.18 -13.70 5.55
N GLN A 17 -10.62 -14.37 6.62
CA GLN A 17 -10.29 -15.77 6.82
C GLN A 17 -10.93 -16.64 5.74
N LEU A 18 -10.20 -17.69 5.37
CA LEU A 18 -10.71 -18.70 4.45
CA LEU A 18 -10.69 -18.72 4.46
C LEU A 18 -11.19 -19.91 5.26
N VAL A 19 -12.47 -20.25 5.13
CA VAL A 19 -13.06 -21.26 6.00
C VAL A 19 -13.96 -22.17 5.17
N PRO A 20 -14.24 -23.38 5.67
CA PRO A 20 -15.19 -24.25 4.97
C PRO A 20 -16.60 -23.69 5.01
N GLY A 21 -17.40 -24.07 4.01
CA GLY A 21 -18.84 -23.84 4.03
C GLY A 21 -19.30 -22.44 3.71
N ARG A 22 -18.50 -21.64 3.01
CA ARG A 22 -18.80 -20.28 2.60
C ARG A 22 -18.57 -20.18 1.10
N PRO A 23 -19.34 -19.35 0.40
CA PRO A 23 -18.97 -19.02 -0.99
C PRO A 23 -17.64 -18.30 -1.03
N LEU A 24 -16.85 -18.58 -2.06
CA LEU A 24 -15.65 -17.81 -2.34
C LEU A 24 -16.01 -16.80 -3.42
N ILE A 25 -16.19 -15.56 -3.01
CA ILE A 25 -16.56 -14.48 -3.92
C ILE A 25 -15.47 -13.42 -3.84
N ILE A 26 -14.77 -13.22 -4.96
CA ILE A 26 -13.68 -12.25 -5.06
C ILE A 26 -13.87 -11.45 -6.33
N GLY A 27 -13.83 -10.12 -6.21
CA GLY A 27 -14.11 -9.28 -7.38
C GLY A 27 -15.47 -9.57 -7.98
N GLY A 28 -16.43 -9.97 -7.16
CA GLY A 28 -17.77 -10.28 -7.67
C GLY A 28 -17.91 -11.62 -8.33
N VAL A 29 -16.83 -12.38 -8.47
CA VAL A 29 -16.85 -13.68 -9.14
C VAL A 29 -17.02 -14.76 -8.09
N THR A 30 -18.03 -15.63 -8.28
CA THR A 30 -18.19 -16.79 -7.41
C THR A 30 -17.29 -17.89 -7.94
N ILE A 31 -16.24 -18.20 -7.19
CA ILE A 31 -15.18 -19.09 -7.63
C ILE A 31 -15.42 -20.48 -7.02
N PRO A 32 -15.45 -21.54 -7.83
CA PRO A 32 -15.60 -22.91 -7.29
C PRO A 32 -14.43 -23.26 -6.38
N TYR A 33 -14.74 -23.61 -5.14
CA TYR A 33 -13.68 -23.90 -4.17
C TYR A 33 -14.32 -24.52 -2.94
N GLU A 34 -13.57 -25.42 -2.28
CA GLU A 34 -14.08 -26.08 -1.09
C GLU A 34 -14.24 -25.13 0.10
N ARG A 35 -13.57 -23.99 0.10
CA ARG A 35 -13.68 -23.02 1.18
C ARG A 35 -14.16 -21.69 0.62
N GLY A 36 -14.47 -20.74 1.50
CA GLY A 36 -14.87 -19.42 1.08
C GLY A 36 -14.45 -18.41 2.11
N LEU A 37 -14.72 -17.13 1.86
CA LEU A 37 -14.26 -16.09 2.78
C LEU A 37 -15.30 -15.81 3.86
N LEU A 38 -14.84 -15.62 5.08
CA LEU A 38 -15.72 -15.41 6.23
C LEU A 38 -15.90 -13.92 6.49
N GLY A 39 -17.16 -13.49 6.56
CA GLY A 39 -17.45 -12.12 6.88
C GLY A 39 -18.93 -11.93 7.08
N HIS A 40 -19.29 -10.74 7.55
CA HIS A 40 -20.70 -10.39 7.73
C HIS A 40 -21.41 -10.30 6.38
N SER A 41 -20.78 -9.61 5.42
CA SER A 41 -21.28 -9.50 4.06
C SER A 41 -20.89 -10.75 3.28
N ASP A 42 -20.92 -10.68 1.94
CA ASP A 42 -20.40 -11.81 1.20
C ASP A 42 -18.88 -11.92 1.30
N ALA A 43 -18.24 -11.01 2.04
CA ALA A 43 -16.83 -11.09 2.40
C ALA A 43 -15.89 -10.93 1.21
N ASP A 44 -16.30 -10.17 0.19
CA ASP A 44 -15.50 -9.95 -0.99
C ASP A 44 -14.33 -9.02 -0.69
N VAL A 45 -13.19 -9.64 -0.36
CA VAL A 45 -12.03 -8.90 0.16
C VAL A 45 -11.50 -7.91 -0.89
N LEU A 46 -11.56 -8.28 -2.18
CA LEU A 46 -11.04 -7.37 -3.21
C LEU A 46 -11.95 -6.16 -3.34
N LEU A 47 -13.26 -6.37 -3.41
CA LEU A 47 -14.15 -5.22 -3.54
C LEU A 47 -14.08 -4.33 -2.31
N HIS A 48 -13.89 -4.91 -1.14
CA HIS A 48 -13.79 -4.09 0.08
C HIS A 48 -12.54 -3.22 0.03
N ALA A 49 -11.42 -3.78 -0.39
CA ALA A 49 -10.20 -2.98 -0.45
C ALA A 49 -10.39 -1.81 -1.43
N ILE A 50 -11.04 -2.07 -2.56
CA ILE A 50 -11.24 -1.00 -3.54
C ILE A 50 -12.19 0.04 -2.99
N THR A 51 -13.27 -0.42 -2.31
CA THR A 51 -14.21 0.50 -1.69
C THR A 51 -13.50 1.42 -0.71
N ASP A 52 -12.60 0.87 0.08
CA ASP A 52 -11.86 1.68 1.05
C ASP A 52 -10.96 2.69 0.35
N ALA A 53 -10.32 2.28 -0.75
CA ALA A 53 -9.47 3.20 -1.51
C ALA A 53 -10.28 4.36 -2.07
N LEU A 54 -11.52 4.09 -2.49
CA LEU A 54 -12.32 5.13 -3.09
C LEU A 54 -12.84 6.10 -2.03
N PHE A 55 -13.40 5.57 -0.94
CA PHE A 55 -13.76 6.44 0.18
C PHE A 55 -12.56 7.24 0.67
N GLY A 56 -11.39 6.61 0.68
CA GLY A 56 -10.21 7.29 1.22
C GLY A 56 -9.76 8.44 0.33
N ALA A 57 -9.81 8.23 -0.99
CA ALA A 57 -9.42 9.28 -1.92
C ALA A 57 -10.35 10.50 -1.82
N ALA A 58 -11.64 10.26 -1.56
CA ALA A 58 -12.60 11.34 -1.42
C ALA A 58 -12.64 11.91 0.00
N ALA A 59 -11.80 11.42 0.90
CA ALA A 59 -11.80 11.83 2.31
C ALA A 59 -13.16 11.63 2.96
N LEU A 60 -13.78 10.48 2.70
CA LEU A 60 -15.12 10.16 3.19
C LEU A 60 -15.10 9.07 4.26
N GLY A 61 -13.95 8.75 4.82
CA GLY A 61 -13.89 7.75 5.87
C GLY A 61 -13.56 6.39 5.29
N ASP A 62 -14.36 5.39 5.61
CA ASP A 62 -14.00 4.03 5.20
C ASP A 62 -15.27 3.20 5.15
N ILE A 63 -15.10 1.93 4.78
CA ILE A 63 -16.25 1.07 4.55
C ILE A 63 -16.99 0.81 5.86
N GLY A 64 -16.27 0.74 6.98
CA GLY A 64 -16.94 0.59 8.26
C GLY A 64 -17.84 1.76 8.61
N ARG A 65 -17.43 2.98 8.22
CA ARG A 65 -18.26 4.16 8.49
C ARG A 65 -19.55 4.13 7.68
N HIS A 66 -19.47 3.73 6.42
CA HIS A 66 -20.60 3.80 5.51
C HIS A 66 -21.50 2.58 5.57
N PHE A 67 -20.94 1.40 5.83
CA PHE A 67 -21.70 0.16 5.82
C PHE A 67 -21.24 -0.71 7.00
N SER A 68 -21.79 -0.45 8.18
CA SER A 68 -21.29 -1.09 9.40
C SER A 68 -21.45 -2.61 9.34
N ASP A 69 -20.39 -3.33 9.73
CA ASP A 69 -20.46 -4.79 9.81
C ASP A 69 -21.32 -5.27 10.96
N THR A 70 -21.82 -4.37 11.81
CA THR A 70 -22.77 -4.73 12.84
C THR A 70 -24.20 -4.71 12.35
N ASP A 71 -24.47 -4.07 11.20
CA ASP A 71 -25.83 -3.82 10.75
C ASP A 71 -26.44 -5.09 10.14
N PRO A 72 -27.59 -5.54 10.60
CA PRO A 72 -28.21 -6.74 10.00
CA PRO A 72 -28.21 -6.74 10.00
C PRO A 72 -28.53 -6.57 8.52
N ARG A 73 -28.80 -5.35 8.05
CA ARG A 73 -29.17 -5.16 6.65
C ARG A 73 -28.05 -5.56 5.70
N PHE A 74 -26.82 -5.66 6.20
CA PHE A 74 -25.70 -6.02 5.36
C PHE A 74 -25.26 -7.46 5.54
N LYS A 75 -26.02 -8.28 6.28
CA LYS A 75 -25.67 -9.70 6.40
C LYS A 75 -25.80 -10.34 5.04
N GLY A 76 -24.72 -10.95 4.57
CA GLY A 76 -24.68 -11.53 3.25
C GLY A 76 -24.68 -10.54 2.11
N ALA A 77 -24.53 -9.25 2.39
CA ALA A 77 -24.65 -8.23 1.35
C ALA A 77 -23.77 -8.52 0.16
N ASP A 78 -24.32 -8.25 -1.03
CA ASP A 78 -23.59 -8.25 -2.29
C ASP A 78 -22.60 -7.09 -2.27
N SER A 79 -21.29 -7.41 -2.27
CA SER A 79 -20.33 -6.32 -2.17
C SER A 79 -20.21 -5.51 -3.46
N ARG A 80 -20.77 -6.00 -4.59
CA ARG A 80 -20.83 -5.13 -5.76
C ARG A 80 -21.84 -4.02 -5.57
N ALA A 81 -22.96 -4.33 -4.91
CA ALA A 81 -23.94 -3.31 -4.61
C ALA A 81 -23.33 -2.28 -3.66
N LEU A 82 -22.52 -2.74 -2.71
CA LEU A 82 -21.84 -1.81 -1.82
C LEU A 82 -20.84 -0.96 -2.59
N LEU A 83 -20.09 -1.57 -3.52
CA LEU A 83 -19.13 -0.79 -4.30
C LEU A 83 -19.85 0.27 -5.12
N ARG A 84 -21.01 -0.09 -5.71
CA ARG A 84 -21.74 0.88 -6.51
C ARG A 84 -22.25 2.03 -5.66
N GLU A 85 -22.67 1.76 -4.42
CA GLU A 85 -23.13 2.84 -3.55
C GLU A 85 -21.96 3.70 -3.10
N CYS A 86 -20.82 3.08 -2.82
CA CYS A 86 -19.60 3.85 -2.58
C CYS A 86 -19.32 4.81 -3.74
N ALA A 87 -19.37 4.29 -4.97
CA ALA A 87 -19.05 5.14 -6.12
C ALA A 87 -20.07 6.26 -6.26
N SER A 88 -21.32 5.96 -5.90
CA SER A 88 -22.36 6.97 -5.93
C SER A 88 -22.08 8.08 -4.93
N ARG A 89 -21.62 7.72 -3.72
CA ARG A 89 -21.31 8.73 -2.72
C ARG A 89 -20.07 9.53 -3.08
N VAL A 90 -19.07 8.86 -3.64
CA VAL A 90 -17.87 9.55 -4.12
C VAL A 90 -18.24 10.56 -5.20
N ALA A 91 -19.12 10.18 -6.13
CA ALA A 91 -19.59 11.13 -7.12
C ALA A 91 -20.38 12.26 -6.47
N GLN A 92 -21.21 11.93 -5.48
CA GLN A 92 -22.00 12.96 -4.82
C GLN A 92 -21.11 13.93 -4.08
N ALA A 93 -19.94 13.49 -3.66
CA ALA A 93 -19.00 14.41 -3.03
C ALA A 93 -18.25 15.26 -4.04
N GLY A 94 -18.41 15.00 -5.32
CA GLY A 94 -17.87 15.83 -6.38
C GLY A 94 -16.71 15.22 -7.15
N PHE A 95 -16.43 13.93 -6.98
CA PHE A 95 -15.25 13.30 -7.55
C PHE A 95 -15.60 12.36 -8.69
N ALA A 96 -14.77 12.39 -9.73
CA ALA A 96 -14.80 11.38 -10.78
C ALA A 96 -13.65 10.41 -10.57
N ILE A 97 -13.89 9.13 -10.86
CA ILE A 97 -12.83 8.12 -10.70
C ILE A 97 -12.00 8.07 -11.96
N ARG A 98 -10.67 8.12 -11.81
CA ARG A 98 -9.78 8.02 -12.98
C ARG A 98 -9.17 6.64 -13.18
N ASN A 99 -8.74 5.95 -12.12
CA ASN A 99 -8.33 4.56 -12.32
C ASN A 99 -8.27 3.84 -10.99
N VAL A 100 -8.24 2.51 -11.07
CA VAL A 100 -8.11 1.63 -9.92
C VAL A 100 -7.06 0.59 -10.25
N ASP A 101 -6.16 0.32 -9.31
CA ASP A 101 -5.24 -0.80 -9.37
C ASP A 101 -5.39 -1.60 -8.08
N SER A 102 -5.11 -2.89 -8.15
CA SER A 102 -5.35 -3.74 -6.98
C SER A 102 -4.49 -5.01 -7.07
N THR A 103 -4.31 -5.66 -5.91
CA THR A 103 -3.62 -6.95 -5.81
C THR A 103 -4.42 -7.86 -4.89
N ILE A 104 -4.57 -9.12 -5.31
CA ILE A 104 -5.09 -10.20 -4.46
C ILE A 104 -3.93 -11.11 -4.11
N ILE A 105 -3.83 -11.50 -2.84
CA ILE A 105 -2.74 -12.37 -2.41
C ILE A 105 -3.37 -13.62 -1.79
N ALA A 106 -3.10 -14.78 -2.39
CA ALA A 106 -3.70 -16.03 -1.95
C ALA A 106 -2.82 -17.21 -2.32
N GLN A 107 -2.74 -18.20 -1.42
CA GLN A 107 -2.06 -19.45 -1.75
C GLN A 107 -2.86 -20.26 -2.75
N ALA A 108 -4.18 -20.20 -2.68
CA ALA A 108 -5.08 -20.99 -3.50
C ALA A 108 -6.47 -20.38 -3.40
N PRO A 109 -7.35 -20.64 -4.36
CA PRO A 109 -7.13 -21.38 -5.62
C PRO A 109 -6.36 -20.52 -6.61
N LYS A 110 -6.08 -21.06 -7.80
CA LYS A 110 -5.55 -20.24 -8.88
C LYS A 110 -6.57 -19.18 -9.27
N LEU A 111 -6.14 -17.91 -9.29
CA LEU A 111 -7.03 -16.80 -9.62
C LEU A 111 -6.86 -16.28 -11.03
N ALA A 112 -5.76 -16.63 -11.72
CA ALA A 112 -5.56 -16.15 -13.08
C ALA A 112 -6.77 -16.38 -13.99
N PRO A 113 -7.44 -17.54 -13.98
CA PRO A 113 -8.61 -17.74 -14.84
C PRO A 113 -9.76 -16.78 -14.58
N HIS A 114 -9.78 -16.09 -13.45
CA HIS A 114 -10.92 -15.29 -13.01
C HIS A 114 -10.66 -13.79 -13.02
N ILE A 115 -9.42 -13.37 -13.27
CA ILE A 115 -9.02 -11.99 -13.10
C ILE A 115 -9.73 -11.10 -14.11
N ASP A 116 -9.87 -11.56 -15.36
CA ASP A 116 -10.52 -10.68 -16.33
C ASP A 116 -11.97 -10.46 -15.96
N ALA A 117 -12.63 -11.49 -15.45
CA ALA A 117 -14.02 -11.34 -15.00
C ALA A 117 -14.10 -10.38 -13.83
N MET A 118 -13.13 -10.42 -12.92
CA MET A 118 -13.15 -9.47 -11.80
C MET A 118 -13.00 -8.05 -12.32
N ARG A 119 -12.04 -7.85 -13.24
CA ARG A 119 -11.81 -6.54 -13.82
CA ARG A 119 -11.82 -6.53 -13.80
C ARG A 119 -13.09 -6.00 -14.47
N ALA A 120 -13.78 -6.84 -15.24
CA ALA A 120 -14.99 -6.41 -15.90
C ALA A 120 -16.08 -6.04 -14.90
N ASN A 121 -16.17 -6.78 -13.79
CA ASN A 121 -17.16 -6.45 -12.76
C ASN A 121 -16.89 -5.11 -12.13
N ILE A 122 -15.62 -4.88 -11.75
CA ILE A 122 -15.26 -3.63 -11.11
C ILE A 122 -15.49 -2.45 -12.07
N ALA A 123 -15.07 -2.61 -13.32
CA ALA A 123 -15.27 -1.56 -14.32
C ALA A 123 -16.75 -1.22 -14.46
N ALA A 124 -17.60 -2.25 -14.53
CA ALA A 124 -19.03 -2.01 -14.66
C ALA A 124 -19.56 -1.25 -13.45
N ASP A 125 -19.15 -1.67 -12.26
CA ASP A 125 -19.67 -1.07 -11.03
C ASP A 125 -19.22 0.38 -10.89
N LEU A 126 -18.05 0.71 -11.40
CA LEU A 126 -17.51 2.06 -11.29
C LEU A 126 -17.78 2.90 -12.54
N ASP A 127 -18.51 2.35 -13.52
CA ASP A 127 -18.79 3.05 -14.77
C ASP A 127 -17.50 3.50 -15.42
N LEU A 128 -16.51 2.59 -15.44
CA LEU A 128 -15.22 2.81 -16.09
C LEU A 128 -15.04 1.88 -17.29
N PRO A 129 -14.25 2.28 -18.27
CA PRO A 129 -13.80 1.34 -19.30
C PRO A 129 -12.78 0.36 -18.69
N LEU A 130 -12.64 -0.79 -19.35
CA LEU A 130 -11.71 -1.80 -18.84
C LEU A 130 -10.29 -1.27 -18.69
N ASP A 131 -9.87 -0.35 -19.56
CA ASP A 131 -8.48 0.12 -19.57
CA ASP A 131 -8.46 0.03 -19.51
C ASP A 131 -8.15 1.04 -18.41
N ARG A 132 -9.09 1.30 -17.50
CA ARG A 132 -8.82 2.09 -16.30
C ARG A 132 -8.92 1.25 -15.02
N VAL A 133 -9.04 -0.06 -15.16
CA VAL A 133 -9.19 -0.95 -14.01
C VAL A 133 -8.16 -2.06 -14.12
N ASN A 134 -7.46 -2.35 -13.03
CA ASN A 134 -6.45 -3.40 -13.07
C ASN A 134 -6.52 -4.24 -11.80
N VAL A 135 -6.43 -5.58 -11.97
CA VAL A 135 -6.43 -6.54 -10.87
C VAL A 135 -5.21 -7.44 -11.05
N LYS A 136 -4.37 -7.52 -10.01
CA LYS A 136 -3.16 -8.32 -10.03
C LYS A 136 -3.31 -9.45 -9.02
N ALA A 137 -2.81 -10.64 -9.35
CA ALA A 137 -2.97 -11.77 -8.44
C ALA A 137 -1.62 -12.41 -8.17
N LYS A 138 -1.37 -12.75 -6.91
CA LYS A 138 -0.11 -13.40 -6.59
CA LYS A 138 -0.07 -13.20 -6.42
C LYS A 138 -0.27 -14.29 -5.37
N THR A 139 0.78 -15.09 -5.15
CA THR A 139 0.89 -15.86 -3.92
C THR A 139 1.72 -15.06 -2.93
N ASN A 140 1.75 -15.49 -1.67
CA ASN A 140 2.68 -14.90 -0.70
C ASN A 140 3.98 -15.69 -0.59
N GLU A 141 4.38 -16.42 -1.64
CA GLU A 141 5.65 -17.14 -1.66
C GLU A 141 5.83 -18.01 -0.41
N LYS A 142 4.75 -18.65 0.02
CA LYS A 142 4.73 -19.65 1.07
C LYS A 142 4.89 -19.07 2.47
N LEU A 143 4.81 -17.76 2.65
CA LEU A 143 5.12 -17.16 3.94
C LEU A 143 3.85 -16.78 4.72
N GLY A 144 3.86 -17.07 6.04
CA GLY A 144 2.85 -16.52 6.92
C GLY A 144 1.48 -17.18 6.78
N TYR A 145 0.49 -16.54 7.41
CA TYR A 145 -0.86 -17.10 7.36
C TYR A 145 -1.40 -17.13 5.94
N LEU A 146 -0.97 -16.19 5.08
CA LEU A 146 -1.34 -16.28 3.67
C LEU A 146 -0.73 -17.50 3.02
N GLY A 147 0.53 -17.81 3.35
CA GLY A 147 1.13 -19.01 2.78
C GLY A 147 0.46 -20.27 3.25
N ARG A 148 -0.09 -20.26 4.47
CA ARG A 148 -0.76 -21.44 5.01
C ARG A 148 -2.21 -21.52 4.58
N GLY A 149 -2.67 -20.57 3.77
CA GLY A 149 -4.02 -20.55 3.25
C GLY A 149 -5.08 -20.22 4.26
N GLU A 150 -4.75 -19.48 5.32
CA GLU A 150 -5.70 -19.19 6.38
C GLU A 150 -6.58 -17.99 6.06
N GLY A 151 -6.18 -17.18 5.08
CA GLY A 151 -7.00 -16.06 4.65
C GLY A 151 -6.50 -15.57 3.31
N ILE A 152 -7.20 -14.58 2.77
CA ILE A 152 -6.84 -13.94 1.51
C ILE A 152 -6.83 -12.45 1.74
N GLU A 153 -5.80 -11.78 1.24
CA GLU A 153 -5.60 -10.34 1.38
C GLU A 153 -5.85 -9.65 0.05
N ALA A 154 -6.35 -8.41 0.10
CA ALA A 154 -6.42 -7.58 -1.08
C ALA A 154 -5.87 -6.20 -0.75
N GLN A 155 -5.24 -5.58 -1.76
CA GLN A 155 -4.71 -4.22 -1.69
C GLN A 155 -5.30 -3.44 -2.87
N ALA A 156 -5.46 -2.13 -2.70
CA ALA A 156 -6.01 -1.32 -3.79
C ALA A 156 -5.49 0.10 -3.75
N ALA A 157 -5.47 0.72 -4.92
CA ALA A 157 -5.09 2.13 -5.04
C ALA A 157 -6.10 2.75 -5.98
N ALA A 158 -6.50 3.99 -5.73
CA ALA A 158 -7.45 4.66 -6.62
C ALA A 158 -7.04 6.11 -6.81
N LEU A 159 -7.19 6.62 -8.03
CA LEU A 159 -7.02 8.03 -8.32
C LEU A 159 -8.36 8.63 -8.71
N VAL A 160 -8.75 9.74 -8.08
CA VAL A 160 -9.97 10.46 -8.40
C VAL A 160 -9.60 11.91 -8.67
N VAL A 161 -10.57 12.67 -9.19
CA VAL A 161 -10.37 14.08 -9.39
C VAL A 161 -11.67 14.79 -9.03
N ARG A 162 -11.57 15.87 -8.24
CA ARG A 162 -12.76 16.63 -7.87
C ARG A 162 -13.10 17.54 -9.02
N GLU A 163 -14.28 17.34 -9.61
CA GLU A 163 -14.73 18.14 -10.74
C GLU A 163 -15.45 19.40 -10.26
N MET B 5 1.07 20.80 -12.67
CA MET B 5 0.76 19.49 -13.23
C MET B 5 1.85 18.45 -12.95
N ASP B 6 2.86 18.81 -12.15
CA ASP B 6 3.95 17.87 -11.85
C ASP B 6 3.61 17.12 -10.56
N PHE B 7 2.68 16.19 -10.69
CA PHE B 7 2.23 15.39 -9.55
C PHE B 7 3.21 14.27 -9.25
N ARG B 8 3.29 13.89 -7.96
CA ARG B 8 4.11 12.78 -7.49
C ARG B 8 3.34 12.00 -6.42
N ILE B 9 3.50 10.67 -6.38
CA ILE B 9 2.86 9.91 -5.32
CA ILE B 9 2.87 9.82 -5.38
C ILE B 9 3.91 9.32 -4.39
N GLY B 10 3.49 9.16 -3.14
CA GLY B 10 4.33 8.55 -2.11
C GLY B 10 3.52 7.54 -1.33
N GLN B 11 4.22 6.54 -0.80
CA GLN B 11 3.55 5.50 -0.03
C GLN B 11 4.38 5.22 1.22
N GLY B 12 3.69 4.87 2.31
CA GLY B 12 4.36 4.69 3.59
C GLY B 12 3.84 3.48 4.34
N TYR B 13 4.73 2.88 5.13
CA TYR B 13 4.43 1.70 5.93
C TYR B 13 5.09 1.85 7.29
N ASP B 14 4.39 1.45 8.36
CA ASP B 14 5.07 1.34 9.64
C ASP B 14 4.38 0.29 10.50
N VAL B 15 5.13 -0.23 11.46
CA VAL B 15 4.59 -1.22 12.39
C VAL B 15 5.31 -1.03 13.72
N HIS B 16 4.58 -1.24 14.82
CA HIS B 16 5.21 -1.22 16.13
C HIS B 16 4.62 -2.33 16.98
N GLN B 17 5.45 -2.89 17.86
CA GLN B 17 4.96 -3.90 18.80
C GLN B 17 4.04 -3.26 19.85
N LEU B 18 3.05 -4.04 20.25
CA LEU B 18 2.00 -3.61 21.16
C LEU B 18 2.08 -4.54 22.36
N VAL B 19 2.55 -4.03 23.50
CA VAL B 19 2.67 -4.82 24.73
C VAL B 19 2.18 -3.99 25.91
N PRO B 20 1.81 -4.66 27.01
CA PRO B 20 1.47 -3.93 28.23
C PRO B 20 2.63 -3.05 28.69
N GLY B 21 2.29 -1.90 29.26
CA GLY B 21 3.25 -1.08 29.96
C GLY B 21 3.67 0.19 29.27
N ARG B 22 3.05 0.55 28.15
CA ARG B 22 3.33 1.79 27.44
C ARG B 22 2.02 2.41 27.00
N PRO B 23 2.00 3.71 26.77
CA PRO B 23 0.77 4.33 26.25
C PRO B 23 0.57 3.98 24.79
N LEU B 24 -0.69 4.08 24.37
CA LEU B 24 -1.09 3.87 22.99
C LEU B 24 -1.36 5.23 22.36
N ILE B 25 -0.47 5.67 21.47
CA ILE B 25 -0.56 6.97 20.82
C ILE B 25 -0.58 6.76 19.32
N ILE B 26 -1.69 7.12 18.69
CA ILE B 26 -1.88 6.92 17.25
C ILE B 26 -2.48 8.20 16.68
N GLY B 27 -1.85 8.73 15.64
CA GLY B 27 -2.34 9.97 15.06
C GLY B 27 -2.33 11.13 16.02
N GLY B 28 -1.40 11.14 16.98
CA GLY B 28 -1.37 12.18 18.00
C GLY B 28 -2.37 12.00 19.13
N VAL B 29 -3.19 10.95 19.11
CA VAL B 29 -4.23 10.73 20.10
C VAL B 29 -3.80 9.64 21.07
N THR B 30 -3.83 9.94 22.38
CA THR B 30 -3.58 8.94 23.40
C THR B 30 -4.87 8.16 23.64
N ILE B 31 -4.82 6.85 23.47
CA ILE B 31 -6.01 6.01 23.51
C ILE B 31 -5.91 5.08 24.73
N PRO B 32 -6.91 5.07 25.61
CA PRO B 32 -6.85 4.17 26.77
C PRO B 32 -6.88 2.73 26.30
N TYR B 33 -5.88 1.96 26.74
CA TYR B 33 -5.81 0.56 26.35
C TYR B 33 -4.83 -0.14 27.28
N GLU B 34 -5.05 -1.45 27.46
CA GLU B 34 -4.19 -2.24 28.32
C GLU B 34 -2.79 -2.42 27.74
N ARG B 35 -2.56 -2.02 26.48
CA ARG B 35 -1.25 -2.14 25.85
C ARG B 35 -0.90 -0.82 25.14
N GLY B 36 0.38 -0.67 24.82
CA GLY B 36 0.85 0.48 24.07
C GLY B 36 1.98 0.09 23.14
N LEU B 37 2.37 1.04 22.29
CA LEU B 37 3.31 0.75 21.22
C LEU B 37 4.74 1.01 21.66
N LEU B 38 5.64 0.11 21.27
CA LEU B 38 7.06 0.20 21.63
C LEU B 38 7.84 0.86 20.50
N GLY B 39 8.66 1.84 20.85
CA GLY B 39 9.42 2.59 19.86
C GLY B 39 10.19 3.70 20.55
N HIS B 40 11.01 4.40 19.74
CA HIS B 40 11.99 5.33 20.29
C HIS B 40 11.31 6.41 21.14
N SER B 41 10.27 7.04 20.60
CA SER B 41 9.62 8.13 21.31
C SER B 41 8.20 7.76 21.70
N ASP B 42 7.21 8.37 21.03
CA ASP B 42 5.83 8.01 21.25
C ASP B 42 5.39 6.84 20.37
N ALA B 43 6.25 6.40 19.43
CA ALA B 43 5.97 5.22 18.60
C ALA B 43 4.67 5.36 17.81
N ASP B 44 4.42 6.55 17.26
CA ASP B 44 3.12 6.83 16.62
C ASP B 44 3.13 6.25 15.20
N VAL B 45 2.66 5.02 15.09
CA VAL B 45 2.79 4.26 13.84
C VAL B 45 2.11 4.99 12.68
N LEU B 46 0.99 5.67 12.95
CA LEU B 46 0.27 6.32 11.85
C LEU B 46 1.03 7.53 11.35
N LEU B 47 1.53 8.35 12.26
CA LEU B 47 2.26 9.53 11.80
C LEU B 47 3.57 9.16 11.11
N HIS B 48 4.22 8.08 11.56
CA HIS B 48 5.42 7.62 10.86
C HIS B 48 5.13 7.20 9.43
N ALA B 49 4.05 6.47 9.21
CA ALA B 49 3.73 6.04 7.85
C ALA B 49 3.45 7.22 6.95
N ILE B 50 2.73 8.22 7.45
CA ILE B 50 2.41 9.39 6.65
C ILE B 50 3.66 10.20 6.36
N THR B 51 4.54 10.34 7.37
CA THR B 51 5.82 11.04 7.17
C THR B 51 6.61 10.37 6.05
N ASP B 52 6.71 9.04 6.09
CA ASP B 52 7.45 8.30 5.08
C ASP B 52 6.81 8.45 3.70
N ALA B 53 5.47 8.45 3.63
CA ALA B 53 4.82 8.66 2.34
C ALA B 53 5.11 10.05 1.81
N LEU B 54 5.20 11.06 2.69
CA LEU B 54 5.49 12.41 2.23
C LEU B 54 6.93 12.55 1.74
N PHE B 55 7.90 12.03 2.52
CA PHE B 55 9.27 12.04 2.04
C PHE B 55 9.38 11.28 0.73
N GLY B 56 8.61 10.20 0.59
CA GLY B 56 8.69 9.40 -0.62
C GLY B 56 8.16 10.13 -1.84
N ALA B 57 7.03 10.83 -1.70
CA ALA B 57 6.49 11.60 -2.82
C ALA B 57 7.45 12.67 -3.29
N ALA B 58 8.19 13.28 -2.36
CA ALA B 58 9.16 14.29 -2.70
C ALA B 58 10.50 13.70 -3.11
N ALA B 59 10.63 12.37 -3.06
CA ALA B 59 11.88 11.68 -3.36
C ALA B 59 13.01 12.21 -2.49
N LEU B 60 12.70 12.40 -1.20
CA LEU B 60 13.68 12.86 -0.23
C LEU B 60 14.20 11.76 0.68
N GLY B 61 13.97 10.51 0.35
CA GLY B 61 14.46 9.41 1.18
C GLY B 61 13.38 8.95 2.15
N ASP B 62 13.71 8.94 3.44
CA ASP B 62 12.75 8.40 4.40
C ASP B 62 13.01 8.97 5.78
N ILE B 63 12.17 8.54 6.71
CA ILE B 63 12.17 9.10 8.07
C ILE B 63 13.49 8.80 8.76
N GLY B 64 14.08 7.62 8.50
CA GLY B 64 15.35 7.29 9.12
C GLY B 64 16.49 8.16 8.64
N ARG B 65 16.48 8.56 7.38
CA ARG B 65 17.53 9.43 6.90
C ARG B 65 17.36 10.86 7.37
N HIS B 66 16.13 11.29 7.65
CA HIS B 66 15.95 12.68 8.06
C HIS B 66 16.07 12.88 9.56
N PHE B 67 15.55 11.95 10.36
CA PHE B 67 15.48 12.12 11.81
C PHE B 67 16.16 10.94 12.49
N SER B 68 17.46 11.03 12.71
CA SER B 68 18.18 9.96 13.39
C SER B 68 17.94 10.03 14.89
N ASP B 69 18.00 8.87 15.54
CA ASP B 69 17.72 8.81 16.97
C ASP B 69 18.75 9.58 17.78
N THR B 70 19.96 9.75 17.26
CA THR B 70 21.04 10.40 18.00
C THR B 70 21.10 11.91 17.78
N ASP B 71 20.46 12.43 16.75
CA ASP B 71 20.52 13.85 16.41
C ASP B 71 19.98 14.70 17.56
N PRO B 72 20.77 15.66 18.09
CA PRO B 72 20.26 16.49 19.18
C PRO B 72 19.05 17.33 18.81
N ARG B 73 18.88 17.69 17.53
CA ARG B 73 17.75 18.53 17.13
C ARG B 73 16.42 17.85 17.39
N PHE B 74 16.36 16.52 17.38
CA PHE B 74 15.11 15.79 17.49
C PHE B 74 15.14 14.78 18.62
N LYS B 75 15.94 15.04 19.65
CA LYS B 75 16.09 14.11 20.77
C LYS B 75 14.74 13.77 21.38
N GLY B 76 14.11 14.76 22.03
CA GLY B 76 12.80 14.54 22.64
C GLY B 76 11.62 14.91 21.76
N ALA B 77 11.81 14.91 20.45
CA ALA B 77 10.73 15.30 19.55
C ALA B 77 9.67 14.21 19.45
N ASP B 78 8.40 14.58 19.60
CA ASP B 78 7.38 13.57 19.35
C ASP B 78 7.05 13.54 17.86
N SER B 79 6.18 12.61 17.47
CA SER B 79 5.99 12.33 16.06
C SER B 79 5.25 13.44 15.33
N ARG B 80 4.50 14.27 16.04
CA ARG B 80 3.87 15.41 15.39
C ARG B 80 4.90 16.47 15.03
N ALA B 81 5.87 16.73 15.91
CA ALA B 81 6.95 17.64 15.55
C ALA B 81 7.70 17.12 14.33
N LEU B 82 7.94 15.82 14.28
CA LEU B 82 8.60 15.24 13.12
C LEU B 82 7.76 15.37 11.86
N LEU B 83 6.44 15.18 11.96
CA LEU B 83 5.58 15.38 10.80
C LEU B 83 5.62 16.84 10.33
N ARG B 84 5.62 17.78 11.27
CA ARG B 84 5.68 19.19 10.87
C ARG B 84 7.00 19.52 10.19
N GLU B 85 8.12 18.99 10.69
CA GLU B 85 9.41 19.25 10.04
C GLU B 85 9.47 18.58 8.67
N CYS B 86 8.93 17.37 8.57
CA CYS B 86 8.81 16.69 7.28
C CYS B 86 8.09 17.59 6.28
N ALA B 87 6.95 18.16 6.69
CA ALA B 87 6.18 19.01 5.79
C ALA B 87 6.97 20.24 5.38
N SER B 88 7.72 20.83 6.31
CA SER B 88 8.55 21.99 5.96
CA SER B 88 8.55 21.99 5.96
C SER B 88 9.59 21.62 4.91
N ARG B 89 10.18 20.43 5.03
CA ARG B 89 11.20 20.03 4.06
C ARG B 89 10.59 19.74 2.70
N VAL B 90 9.42 19.12 2.70
CA VAL B 90 8.72 18.84 1.44
C VAL B 90 8.37 20.14 0.74
N ALA B 91 7.89 21.14 1.50
CA ALA B 91 7.59 22.44 0.91
C ALA B 91 8.87 23.09 0.37
N GLN B 92 9.95 23.03 1.14
CA GLN B 92 11.21 23.64 0.71
C GLN B 92 11.77 22.97 -0.54
N ALA B 93 11.53 21.67 -0.70
CA ALA B 93 11.97 21.01 -1.92
C ALA B 93 11.10 21.36 -3.11
N GLY B 94 10.03 22.11 -2.88
CA GLY B 94 9.23 22.66 -3.96
C GLY B 94 7.87 22.02 -4.15
N PHE B 95 7.40 21.24 -3.19
CA PHE B 95 6.18 20.45 -3.37
C PHE B 95 5.07 20.96 -2.46
N ALA B 96 3.85 20.99 -3.00
CA ALA B 96 2.67 21.26 -2.20
C ALA B 96 1.91 19.96 -2.01
N ILE B 97 1.44 19.71 -0.79
CA ILE B 97 0.71 18.48 -0.49
C ILE B 97 -0.72 18.64 -0.99
N ARG B 98 -1.23 17.63 -1.68
CA ARG B 98 -2.61 17.69 -2.17
C ARG B 98 -3.57 16.82 -1.35
N ASN B 99 -3.18 15.62 -0.94
CA ASN B 99 -4.03 14.87 -0.02
C ASN B 99 -3.24 13.72 0.59
N VAL B 100 -3.76 13.22 1.71
CA VAL B 100 -3.20 12.07 2.43
CA VAL B 100 -3.20 12.05 2.38
C VAL B 100 -4.35 11.12 2.72
N ASP B 101 -4.11 9.82 2.51
CA ASP B 101 -5.05 8.79 2.92
C ASP B 101 -4.25 7.73 3.66
N SER B 102 -4.91 7.02 4.59
CA SER B 102 -4.18 6.10 5.43
C SER B 102 -5.10 5.03 5.98
N THR B 103 -4.50 3.95 6.46
CA THR B 103 -5.21 2.87 7.16
C THR B 103 -4.41 2.46 8.38
N ILE B 104 -5.08 2.36 9.52
CA ILE B 104 -4.55 1.72 10.71
C ILE B 104 -5.10 0.31 10.80
N ILE B 105 -4.24 -0.68 11.00
CA ILE B 105 -4.69 -2.06 11.22
C ILE B 105 -4.40 -2.44 12.66
N ALA B 106 -5.44 -2.66 13.45
CA ALA B 106 -5.30 -3.00 14.85
C ALA B 106 -6.46 -3.89 15.23
N GLN B 107 -6.18 -5.04 15.86
CA GLN B 107 -7.27 -5.93 16.25
C GLN B 107 -8.12 -5.31 17.35
N ALA B 108 -7.49 -4.49 18.18
CA ALA B 108 -8.15 -3.80 19.27
C ALA B 108 -7.23 -2.67 19.70
N PRO B 109 -7.77 -1.61 20.33
CA PRO B 109 -9.16 -1.32 20.65
C PRO B 109 -9.87 -0.74 19.44
N LYS B 110 -11.14 -0.36 19.60
CA LYS B 110 -11.83 0.28 18.49
C LYS B 110 -11.30 1.71 18.30
N LEU B 111 -10.98 2.05 17.06
CA LEU B 111 -10.39 3.35 16.74
C LEU B 111 -11.37 4.34 16.15
N ALA B 112 -12.54 3.89 15.71
CA ALA B 112 -13.51 4.81 15.10
C ALA B 112 -13.79 6.07 15.93
N PRO B 113 -13.92 6.03 17.26
CA PRO B 113 -14.22 7.28 18.01
C PRO B 113 -13.13 8.33 17.90
N HIS B 114 -11.93 7.95 17.48
CA HIS B 114 -10.77 8.82 17.53
C HIS B 114 -10.34 9.33 16.16
N ILE B 115 -11.05 8.93 15.09
CA ILE B 115 -10.62 9.26 13.74
C ILE B 115 -10.63 10.77 13.52
N ASP B 116 -11.69 11.45 13.94
CA ASP B 116 -11.76 12.88 13.66
C ASP B 116 -10.65 13.63 14.39
N ALA B 117 -10.31 13.18 15.60
CA ALA B 117 -9.20 13.80 16.32
C ALA B 117 -7.87 13.56 15.62
N MET B 118 -7.65 12.36 15.10
CA MET B 118 -6.41 12.12 14.35
C MET B 118 -6.36 12.97 13.10
N ARG B 119 -7.46 13.01 12.34
CA ARG B 119 -7.51 13.81 11.13
C ARG B 119 -7.20 15.26 11.43
N ALA B 120 -7.80 15.79 12.49
CA ALA B 120 -7.58 17.19 12.84
C ALA B 120 -6.11 17.45 13.19
N ASN B 121 -5.47 16.50 13.88
CA ASN B 121 -4.04 16.68 14.22
C ASN B 121 -3.19 16.66 12.94
N ILE B 122 -3.48 15.72 12.06
CA ILE B 122 -2.67 15.56 10.84
C ILE B 122 -2.85 16.78 9.95
N ALA B 123 -4.10 17.23 9.77
CA ALA B 123 -4.35 18.36 8.88
C ALA B 123 -3.68 19.61 9.42
N ALA B 124 -3.70 19.80 10.74
CA ALA B 124 -3.02 20.95 11.33
C ALA B 124 -1.52 20.87 11.09
N ASP B 125 -0.92 19.69 11.33
CA ASP B 125 0.52 19.53 11.17
C ASP B 125 0.95 19.70 9.71
N LEU B 126 0.09 19.35 8.77
CA LEU B 126 0.40 19.50 7.35
C LEU B 126 -0.11 20.81 6.76
N ASP B 127 -0.79 21.64 7.56
CA ASP B 127 -1.45 22.86 7.07
C ASP B 127 -2.35 22.55 5.89
N LEU B 128 -3.16 21.51 6.04
CA LEU B 128 -4.10 21.09 5.01
C LEU B 128 -5.55 21.31 5.45
N PRO B 129 -6.45 21.58 4.50
CA PRO B 129 -7.87 21.51 4.82
C PRO B 129 -8.22 20.11 5.27
N LEU B 130 -9.15 20.02 6.23
CA LEU B 130 -9.54 18.73 6.78
CA LEU B 130 -9.56 18.73 6.78
C LEU B 130 -9.99 17.76 5.69
N ASP B 131 -10.62 18.27 4.63
CA ASP B 131 -11.15 17.36 3.62
C ASP B 131 -10.10 16.88 2.63
N ARG B 132 -8.82 17.11 2.92
CA ARG B 132 -7.72 16.48 2.18
C ARG B 132 -6.94 15.47 3.02
N VAL B 133 -7.46 15.11 4.19
CA VAL B 133 -6.82 14.15 5.10
C VAL B 133 -7.83 13.08 5.45
N ASN B 134 -7.45 11.81 5.28
CA ASN B 134 -8.34 10.71 5.61
C ASN B 134 -7.59 9.66 6.39
N VAL B 135 -8.25 9.07 7.39
CA VAL B 135 -7.73 7.96 8.17
C VAL B 135 -8.79 6.88 8.22
N LYS B 136 -8.42 5.65 7.91
CA LYS B 136 -9.30 4.49 7.94
C LYS B 136 -8.79 3.50 8.97
N ALA B 137 -9.67 2.66 9.50
CA ALA B 137 -9.21 1.75 10.55
C ALA B 137 -9.90 0.41 10.40
N LYS B 138 -9.15 -0.69 10.61
CA LYS B 138 -9.68 -2.04 10.46
CA LYS B 138 -9.76 -2.00 10.58
C LYS B 138 -8.95 -2.98 11.41
N THR B 139 -9.58 -4.15 11.65
CA THR B 139 -8.94 -5.25 12.32
C THR B 139 -8.21 -6.09 11.29
N ASN B 140 -7.52 -7.13 11.76
CA ASN B 140 -6.89 -8.08 10.85
C ASN B 140 -7.57 -9.44 10.92
N GLU B 141 -8.84 -9.45 11.32
CA GLU B 141 -9.65 -10.67 11.34
C GLU B 141 -8.94 -11.79 12.10
N LYS B 142 -8.26 -11.41 13.19
CA LYS B 142 -7.62 -12.36 14.10
C LYS B 142 -6.49 -13.14 13.44
N LEU B 143 -5.94 -12.65 12.33
CA LEU B 143 -4.87 -13.35 11.61
C LEU B 143 -3.52 -12.72 11.93
N GLY B 144 -2.51 -13.56 12.14
CA GLY B 144 -1.15 -13.07 12.27
C GLY B 144 -0.90 -12.31 13.57
N TYR B 145 0.31 -11.75 13.69
CA TYR B 145 0.64 -10.98 14.89
C TYR B 145 -0.29 -9.78 15.05
N LEU B 146 -0.75 -9.20 13.94
CA LEU B 146 -1.70 -8.10 14.05
C LEU B 146 -3.01 -8.59 14.66
N GLY B 147 -3.48 -9.75 14.17
CA GLY B 147 -4.74 -10.29 14.65
C GLY B 147 -4.69 -10.79 16.07
N ARG B 148 -3.51 -11.12 16.58
CA ARG B 148 -3.33 -11.51 17.97
C ARG B 148 -3.07 -10.32 18.88
N GLY B 149 -3.10 -9.10 18.33
CA GLY B 149 -2.88 -7.92 19.15
C GLY B 149 -1.45 -7.70 19.58
N GLU B 150 -0.49 -8.19 18.81
CA GLU B 150 0.92 -8.09 19.21
C GLU B 150 1.62 -6.93 18.54
N GLY B 151 0.96 -6.27 17.60
CA GLY B 151 1.50 -5.14 16.87
C GLY B 151 0.34 -4.37 16.26
N ILE B 152 0.66 -3.16 15.79
CA ILE B 152 -0.26 -2.35 15.03
C ILE B 152 0.48 -1.84 13.80
N GLU B 153 -0.19 -1.88 12.65
CA GLU B 153 0.38 -1.43 11.38
C GLU B 153 -0.32 -0.16 10.93
N ALA B 154 0.41 0.69 10.22
CA ALA B 154 -0.23 1.79 9.49
C ALA B 154 0.27 1.81 8.06
N GLN B 155 -0.62 2.17 7.14
CA GLN B 155 -0.30 2.36 5.73
C GLN B 155 -0.71 3.77 5.37
N ALA B 156 0.04 4.42 4.46
CA ALA B 156 -0.29 5.77 4.06
C ALA B 156 0.01 5.99 2.58
N ALA B 157 -0.75 6.89 1.97
CA ALA B 157 -0.51 7.33 0.60
C ALA B 157 -0.60 8.85 0.59
N ALA B 158 0.29 9.50 -0.17
CA ALA B 158 0.27 10.95 -0.24
C ALA B 158 0.44 11.40 -1.69
N LEU B 159 -0.35 12.39 -2.09
CA LEU B 159 -0.21 13.01 -3.39
C LEU B 159 0.31 14.43 -3.20
N VAL B 160 1.36 14.79 -3.94
CA VAL B 160 1.91 16.14 -3.90
C VAL B 160 2.06 16.65 -5.33
N VAL B 161 2.30 17.95 -5.47
CA VAL B 161 2.56 18.54 -6.78
C VAL B 161 3.72 19.52 -6.65
N ARG B 162 4.65 19.46 -7.59
CA ARG B 162 5.78 20.38 -7.60
C ARG B 162 5.32 21.73 -8.13
N GLU B 163 5.52 22.78 -7.35
CA GLU B 163 5.10 24.11 -7.76
C GLU B 163 6.28 25.03 -7.99
N SER C 4 -1.44 17.35 -20.92
CA SER C 4 -1.48 15.94 -20.55
C SER C 4 -1.89 15.75 -19.08
N MET C 5 -3.15 15.40 -18.86
CA MET C 5 -3.70 15.31 -17.52
C MET C 5 -4.32 13.94 -17.23
N ASP C 6 -4.04 12.94 -18.06
CA ASP C 6 -4.59 11.59 -17.83
C ASP C 6 -3.63 10.79 -16.95
N PHE C 7 -3.62 11.12 -15.66
CA PHE C 7 -2.77 10.44 -14.69
C PHE C 7 -3.38 9.12 -14.24
N ARG C 8 -2.51 8.19 -13.84
CA ARG C 8 -2.94 6.89 -13.33
C ARG C 8 -2.00 6.47 -12.21
N ILE C 9 -2.54 5.79 -11.19
CA ILE C 9 -1.66 5.27 -10.15
CA ILE C 9 -1.75 5.26 -10.07
C ILE C 9 -1.64 3.75 -10.19
N GLY C 10 -0.49 3.20 -9.78
CA GLY C 10 -0.36 1.77 -9.64
C GLY C 10 0.28 1.45 -8.30
N GLN C 11 0.02 0.25 -7.82
CA GLN C 11 0.59 -0.17 -6.54
C GLN C 11 1.11 -1.59 -6.68
N GLY C 12 2.23 -1.88 -6.02
CA GLY C 12 2.86 -3.18 -6.18
C GLY C 12 3.32 -3.71 -4.83
N TYR C 13 3.26 -5.03 -4.71
CA TYR C 13 3.67 -5.75 -3.52
C TYR C 13 4.43 -7.00 -3.93
N ASP C 14 5.55 -7.30 -3.25
CA ASP C 14 6.18 -8.60 -3.45
C ASP C 14 6.85 -9.05 -2.15
N VAL C 15 7.04 -10.36 -2.02
CA VAL C 15 7.77 -10.93 -0.89
C VAL C 15 8.47 -12.19 -1.39
N HIS C 16 9.70 -12.41 -0.91
CA HIS C 16 10.46 -13.60 -1.24
C HIS C 16 11.10 -14.14 0.02
N GLN C 17 11.26 -15.46 0.06
CA GLN C 17 11.93 -16.12 1.17
C GLN C 17 13.44 -15.90 1.11
N LEU C 18 14.04 -15.81 2.31
CA LEU C 18 15.48 -15.73 2.46
CA LEU C 18 15.48 -15.72 2.48
C LEU C 18 16.03 -17.14 2.70
N VAL C 19 16.95 -17.58 1.83
CA VAL C 19 17.42 -18.97 1.87
C VAL C 19 18.94 -18.99 1.76
N PRO C 20 19.58 -20.06 2.24
CA PRO C 20 21.04 -20.16 2.13
C PRO C 20 21.47 -20.39 0.69
N GLY C 21 22.73 -20.05 0.43
CA GLY C 21 23.37 -20.37 -0.83
C GLY C 21 22.94 -19.56 -2.02
N ARG C 22 22.44 -18.34 -1.83
CA ARG C 22 22.00 -17.51 -2.93
C ARG C 22 22.41 -16.07 -2.66
N PRO C 23 22.69 -15.30 -3.71
CA PRO C 23 23.02 -13.89 -3.52
C PRO C 23 21.80 -13.09 -3.10
N LEU C 24 22.04 -12.08 -2.27
CA LEU C 24 21.01 -11.12 -1.89
C LEU C 24 21.09 -9.95 -2.85
N ILE C 25 20.12 -9.87 -3.76
CA ILE C 25 20.09 -8.82 -4.78
C ILE C 25 18.79 -8.05 -4.60
N ILE C 26 18.90 -6.77 -4.24
CA ILE C 26 17.74 -5.91 -4.02
C ILE C 26 18.01 -4.59 -4.75
N GLY C 27 17.05 -4.16 -5.56
CA GLY C 27 17.26 -2.95 -6.35
C GLY C 27 18.45 -3.06 -7.27
N GLY C 28 18.77 -4.28 -7.72
CA GLY C 28 19.93 -4.52 -8.56
C GLY C 28 21.25 -4.51 -7.83
N VAL C 29 21.25 -4.34 -6.51
CA VAL C 29 22.48 -4.27 -5.71
C VAL C 29 22.73 -5.62 -5.06
N THR C 30 23.94 -6.16 -5.24
CA THR C 30 24.35 -7.36 -4.52
C THR C 30 24.86 -6.96 -3.14
N ILE C 31 24.20 -7.47 -2.11
CA ILE C 31 24.44 -7.10 -0.72
C ILE C 31 25.07 -8.29 -0.02
N PRO C 32 26.24 -8.13 0.60
CA PRO C 32 26.83 -9.26 1.34
C PRO C 32 25.89 -9.71 2.44
N TYR C 33 25.68 -11.02 2.53
CA TYR C 33 24.73 -11.61 3.46
C TYR C 33 24.79 -13.11 3.38
N GLU C 34 24.52 -13.79 4.50
CA GLU C 34 24.61 -15.24 4.59
C GLU C 34 23.54 -15.95 3.78
N ARG C 35 22.48 -15.25 3.43
CA ARG C 35 21.36 -15.81 2.70
C ARG C 35 21.02 -14.89 1.54
N GLY C 36 20.11 -15.33 0.68
CA GLY C 36 19.67 -14.52 -0.43
C GLY C 36 18.23 -14.86 -0.71
N LEU C 37 17.64 -14.16 -1.67
CA LEU C 37 16.21 -14.34 -1.91
C LEU C 37 15.95 -15.47 -2.90
N LEU C 38 14.88 -16.23 -2.64
CA LEU C 38 14.50 -17.39 -3.44
C LEU C 38 13.50 -16.99 -4.52
N GLY C 39 13.79 -17.30 -5.77
CA GLY C 39 12.82 -17.06 -6.81
C GLY C 39 13.24 -17.69 -8.11
N HIS C 40 12.33 -17.70 -9.08
CA HIS C 40 12.67 -18.22 -10.40
C HIS C 40 13.73 -17.33 -11.06
N SER C 41 13.53 -16.01 -10.97
CA SER C 41 14.51 -15.02 -11.41
C SER C 41 15.61 -14.90 -10.35
N ASP C 42 16.35 -13.79 -10.34
CA ASP C 42 17.22 -13.46 -9.21
C ASP C 42 16.44 -13.02 -7.98
N ALA C 43 15.11 -13.06 -8.05
CA ALA C 43 14.25 -12.80 -6.90
C ALA C 43 14.44 -11.41 -6.32
N ASP C 44 14.70 -10.42 -7.17
CA ASP C 44 14.84 -9.05 -6.70
C ASP C 44 13.47 -8.49 -6.33
N VAL C 45 13.12 -8.61 -5.05
CA VAL C 45 11.76 -8.31 -4.59
C VAL C 45 11.41 -6.84 -4.80
N LEU C 46 12.39 -5.94 -4.69
CA LEU C 46 12.07 -4.53 -4.89
C LEU C 46 11.78 -4.23 -6.36
N LEU C 47 12.58 -4.77 -7.28
CA LEU C 47 12.31 -4.53 -8.69
C LEU C 47 10.98 -5.16 -9.10
N HIS C 48 10.66 -6.31 -8.51
CA HIS C 48 9.38 -6.95 -8.81
C HIS C 48 8.21 -6.10 -8.35
N ALA C 49 8.31 -5.52 -7.15
CA ALA C 49 7.21 -4.70 -6.66
C ALA C 49 7.03 -3.47 -7.54
N ILE C 50 8.15 -2.85 -7.95
CA ILE C 50 8.05 -1.68 -8.82
C ILE C 50 7.47 -2.08 -10.17
N THR C 51 7.90 -3.21 -10.70
CA THR C 51 7.39 -3.72 -11.97
C THR C 51 5.88 -3.90 -11.91
N ASP C 52 5.38 -4.54 -10.85
CA ASP C 52 3.94 -4.72 -10.71
C ASP C 52 3.20 -3.40 -10.58
N ALA C 53 3.77 -2.43 -9.82
CA ALA C 53 3.14 -1.12 -9.72
C ALA C 53 3.04 -0.43 -11.08
N LEU C 54 4.08 -0.58 -11.92
CA LEU C 54 4.07 0.03 -13.26
C LEU C 54 3.05 -0.66 -14.18
N PHE C 55 3.05 -2.00 -14.20
CA PHE C 55 2.00 -2.68 -14.95
C PHE C 55 0.62 -2.27 -14.45
N GLY C 56 0.48 -2.11 -13.13
CA GLY C 56 -0.82 -1.77 -12.58
C GLY C 56 -1.28 -0.38 -13.00
N ALA C 57 -0.36 0.60 -12.98
CA ALA C 57 -0.75 1.97 -13.35
C ALA C 57 -1.18 2.05 -14.81
N ALA C 58 -0.55 1.26 -15.68
CA ALA C 58 -0.88 1.26 -17.09
C ALA C 58 -2.00 0.28 -17.42
N ALA C 59 -2.54 -0.40 -16.40
CA ALA C 59 -3.61 -1.38 -16.57
C ALA C 59 -3.21 -2.49 -17.53
N LEU C 60 -1.98 -2.95 -17.40
CA LEU C 60 -1.44 -4.01 -18.25
C LEU C 60 -1.39 -5.37 -17.58
N GLY C 61 -2.02 -5.53 -16.42
CA GLY C 61 -2.02 -6.81 -15.72
C GLY C 61 -0.93 -6.86 -14.64
N ASP C 62 -0.09 -7.90 -14.69
CA ASP C 62 0.94 -8.07 -13.66
C ASP C 62 2.13 -8.89 -14.19
N ILE C 63 3.14 -9.06 -13.35
CA ILE C 63 4.32 -9.84 -13.74
C ILE C 63 3.92 -11.23 -14.20
N GLY C 64 3.06 -11.89 -13.42
CA GLY C 64 2.70 -13.27 -13.73
C GLY C 64 2.11 -13.41 -15.12
N ARG C 65 1.44 -12.38 -15.61
CA ARG C 65 0.89 -12.40 -16.96
C ARG C 65 1.94 -12.10 -18.03
N HIS C 66 2.94 -11.27 -17.72
CA HIS C 66 3.92 -10.86 -18.71
C HIS C 66 5.14 -11.77 -18.75
N PHE C 67 5.57 -12.25 -17.58
CA PHE C 67 6.84 -12.93 -17.43
C PHE C 67 6.59 -14.23 -16.63
N SER C 68 5.91 -15.19 -17.25
CA SER C 68 5.56 -16.45 -16.59
C SER C 68 6.78 -17.15 -15.97
N ARG C 73 11.47 -16.74 -23.46
CA ARG C 73 12.61 -15.92 -23.89
C ARG C 73 13.09 -15.03 -22.76
N PHE C 74 12.56 -15.28 -21.56
CA PHE C 74 12.99 -14.58 -20.34
C PHE C 74 13.50 -15.57 -19.30
N LYS C 75 13.88 -16.79 -19.71
CA LYS C 75 14.15 -17.85 -18.74
C LYS C 75 15.28 -17.47 -17.79
N GLY C 76 16.35 -16.89 -18.32
CA GLY C 76 17.49 -16.55 -17.48
C GLY C 76 17.70 -15.07 -17.23
N ALA C 77 16.69 -14.25 -17.53
CA ALA C 77 16.83 -12.81 -17.42
C ALA C 77 16.83 -12.36 -15.96
N ASP C 78 17.70 -11.41 -15.64
CA ASP C 78 17.73 -10.83 -14.32
C ASP C 78 16.65 -9.75 -14.20
N SER C 79 16.39 -9.31 -12.98
CA SER C 79 15.17 -8.51 -12.78
C SER C 79 15.30 -7.10 -13.33
N ARG C 80 16.51 -6.61 -13.59
CA ARG C 80 16.61 -5.31 -14.23
C ARG C 80 16.23 -5.39 -15.70
N ALA C 81 16.58 -6.50 -16.36
CA ALA C 81 16.09 -6.71 -17.72
C ALA C 81 14.57 -6.73 -17.75
N LEU C 82 13.96 -7.40 -16.77
CA LEU C 82 12.49 -7.44 -16.74
C LEU C 82 11.91 -6.07 -16.42
N LEU C 83 12.56 -5.30 -15.56
CA LEU C 83 12.07 -3.95 -15.29
C LEU C 83 12.17 -3.10 -16.54
N ARG C 84 13.27 -3.22 -17.29
CA ARG C 84 13.42 -2.52 -18.56
C ARG C 84 12.32 -2.92 -19.53
N GLU C 85 12.04 -4.22 -19.62
CA GLU C 85 10.98 -4.69 -20.53
C GLU C 85 9.63 -4.14 -20.09
N CYS C 86 9.38 -4.14 -18.78
CA CYS C 86 8.16 -3.56 -18.24
C CYS C 86 8.01 -2.11 -18.68
N ALA C 87 9.06 -1.31 -18.48
CA ALA C 87 9.01 0.09 -18.87
C ALA C 87 8.72 0.23 -20.37
N SER C 88 9.28 -0.66 -21.18
CA SER C 88 9.02 -0.66 -22.61
C SER C 88 7.54 -0.89 -22.91
N ARG C 89 6.93 -1.85 -22.23
CA ARG C 89 5.52 -2.15 -22.45
C ARG C 89 4.63 -1.01 -21.98
N VAL C 90 5.01 -0.37 -20.88
CA VAL C 90 4.26 0.79 -20.40
C VAL C 90 4.30 1.90 -21.45
N ALA C 91 5.47 2.16 -22.01
CA ALA C 91 5.59 3.14 -23.07
C ALA C 91 4.79 2.73 -24.30
N GLN C 92 4.85 1.43 -24.64
CA GLN C 92 4.11 0.92 -25.79
C GLN C 92 2.62 1.21 -25.68
N ALA C 93 2.10 1.20 -24.45
CA ALA C 93 0.66 1.45 -24.24
C ALA C 93 0.35 2.94 -24.19
N GLY C 94 1.35 3.81 -24.37
CA GLY C 94 1.15 5.24 -24.44
C GLY C 94 1.33 5.98 -23.13
N PHE C 95 1.96 5.36 -22.14
CA PHE C 95 2.14 5.97 -20.83
C PHE C 95 3.57 6.43 -20.61
N ALA C 96 3.70 7.53 -19.90
CA ALA C 96 4.98 8.07 -19.46
C ALA C 96 5.06 7.94 -17.95
N ILE C 97 6.23 7.54 -17.44
CA ILE C 97 6.36 7.33 -16.00
C ILE C 97 6.67 8.68 -15.36
N ARG C 98 5.93 9.03 -14.31
CA ARG C 98 6.20 10.30 -13.65
C ARG C 98 7.00 10.16 -12.37
N ASN C 99 6.72 9.16 -11.53
CA ASN C 99 7.59 8.93 -10.36
C ASN C 99 7.31 7.56 -9.78
N VAL C 100 8.28 7.04 -9.03
CA VAL C 100 8.19 5.78 -8.31
CA VAL C 100 8.14 5.79 -8.30
C VAL C 100 8.62 6.01 -6.88
N ASP C 101 7.89 5.43 -5.93
CA ASP C 101 8.27 5.42 -4.52
C ASP C 101 8.16 3.97 -4.07
N SER C 102 8.94 3.59 -3.06
CA SER C 102 8.96 2.19 -2.66
C SER C 102 9.48 2.06 -1.23
N THR C 103 9.22 0.90 -0.64
CA THR C 103 9.70 0.56 0.70
C THR C 103 10.19 -0.88 0.69
N ILE C 104 11.36 -1.13 1.28
CA ILE C 104 11.87 -2.49 1.52
C ILE C 104 11.71 -2.79 3.00
N ILE C 105 11.13 -3.95 3.32
CA ILE C 105 11.02 -4.34 4.72
C ILE C 105 11.92 -5.54 4.93
N ALA C 106 13.00 -5.34 5.71
CA ALA C 106 13.94 -6.40 6.00
C ALA C 106 14.46 -6.19 7.42
N GLN C 107 14.40 -7.25 8.23
CA GLN C 107 14.96 -7.15 9.58
C GLN C 107 16.46 -7.07 9.53
N ALA C 108 17.06 -7.69 8.52
CA ALA C 108 18.50 -7.72 8.33
C ALA C 108 18.76 -8.09 6.88
N PRO C 109 19.88 -7.68 6.29
CA PRO C 109 20.93 -6.82 6.84
C PRO C 109 20.54 -5.33 6.75
N LYS C 110 21.45 -4.45 7.17
CA LYS C 110 21.21 -3.02 7.01
C LYS C 110 21.23 -2.64 5.54
N LEU C 111 20.20 -1.93 5.10
CA LEU C 111 20.10 -1.56 3.70
C LEU C 111 20.51 -0.12 3.42
N ALA C 112 20.59 0.73 4.45
CA ALA C 112 20.98 2.12 4.29
C ALA C 112 22.18 2.35 3.36
N PRO C 113 23.31 1.65 3.50
CA PRO C 113 24.45 1.94 2.61
C PRO C 113 24.18 1.65 1.14
N HIS C 114 23.12 0.92 0.84
CA HIS C 114 22.88 0.43 -0.51
C HIS C 114 21.76 1.17 -1.22
N ILE C 115 21.01 2.01 -0.49
CA ILE C 115 19.80 2.64 -1.02
C ILE C 115 20.14 3.51 -2.23
N ASP C 116 21.20 4.31 -2.14
CA ASP C 116 21.44 5.25 -3.23
C ASP C 116 21.78 4.52 -4.51
N ALA C 117 22.49 3.39 -4.42
CA ALA C 117 22.76 2.57 -5.61
C ALA C 117 21.48 1.99 -6.18
N MET C 118 20.57 1.54 -5.32
CA MET C 118 19.29 1.03 -5.81
C MET C 118 18.53 2.10 -6.59
N ARG C 119 18.46 3.29 -6.01
CA ARG C 119 17.79 4.40 -6.68
CA ARG C 119 17.78 4.39 -6.69
C ARG C 119 18.44 4.68 -8.03
N ALA C 120 19.78 4.70 -8.07
CA ALA C 120 20.44 4.96 -9.35
C ALA C 120 20.15 3.87 -10.36
N ASN C 121 20.15 2.62 -9.91
CA ASN C 121 19.83 1.50 -10.81
C ASN C 121 18.42 1.62 -11.37
N ILE C 122 17.43 1.87 -10.50
CA ILE C 122 16.04 1.98 -10.96
C ILE C 122 15.89 3.15 -11.91
N ALA C 123 16.50 4.30 -11.58
CA ALA C 123 16.39 5.47 -12.45
C ALA C 123 16.95 5.19 -13.84
N ALA C 124 18.11 4.53 -13.91
CA ALA C 124 18.67 4.22 -15.22
C ALA C 124 17.76 3.27 -16.00
N ASP C 125 17.23 2.25 -15.33
CA ASP C 125 16.39 1.25 -15.98
C ASP C 125 15.09 1.86 -16.49
N LEU C 126 14.56 2.85 -15.78
CA LEU C 126 13.30 3.50 -16.15
C LEU C 126 13.51 4.77 -16.95
N ASP C 127 14.75 5.14 -17.22
CA ASP C 127 15.08 6.37 -17.94
C ASP C 127 14.43 7.57 -17.25
N LEU C 128 14.63 7.65 -15.93
CA LEU C 128 14.14 8.70 -15.06
C LEU C 128 15.29 9.42 -14.40
N PRO C 129 15.12 10.70 -14.09
CA PRO C 129 16.11 11.38 -13.25
C PRO C 129 15.99 10.90 -11.81
N LEU C 130 17.08 11.05 -11.07
CA LEU C 130 17.10 10.56 -9.69
C LEU C 130 15.96 11.14 -8.87
N ASP C 131 15.56 12.39 -9.14
CA ASP C 131 14.61 13.04 -8.25
C ASP C 131 13.18 12.59 -8.48
N ARG C 132 13.00 11.58 -9.33
CA ARG C 132 11.68 10.98 -9.55
C ARG C 132 11.62 9.54 -9.08
N VAL C 133 12.68 9.07 -8.40
CA VAL C 133 12.76 7.70 -7.89
C VAL C 133 13.10 7.76 -6.41
N ASN C 134 12.40 6.96 -5.59
CA ASN C 134 12.69 6.95 -4.17
C ASN C 134 12.59 5.53 -3.64
N VAL C 135 13.53 5.17 -2.76
CA VAL C 135 13.57 3.87 -2.09
C VAL C 135 13.72 4.09 -0.59
N LYS C 136 12.84 3.48 0.20
CA LYS C 136 12.84 3.59 1.64
C LYS C 136 13.07 2.21 2.24
N ALA C 137 13.67 2.16 3.43
CA ALA C 137 13.97 0.87 4.04
C ALA C 137 13.59 0.88 5.52
N LYS C 138 12.97 -0.22 5.96
CA LYS C 138 12.45 -0.40 7.32
C LYS C 138 12.76 -1.82 7.77
N THR C 139 12.87 -2.02 9.09
CA THR C 139 12.73 -3.36 9.67
C THR C 139 11.26 -3.63 9.90
N ASN C 140 10.95 -4.83 10.43
CA ASN C 140 9.57 -5.14 10.82
C ASN C 140 9.43 -5.28 12.34
N GLU C 141 10.31 -4.63 13.10
CA GLU C 141 10.24 -4.62 14.57
C GLU C 141 10.16 -6.03 15.14
N LYS C 142 10.85 -6.96 14.49
CA LYS C 142 10.99 -8.34 14.94
C LYS C 142 9.64 -9.07 14.98
N LEU C 143 8.66 -8.61 14.20
CA LEU C 143 7.34 -9.23 14.13
C LEU C 143 7.17 -10.10 12.89
N GLY C 144 6.52 -11.26 13.07
CA GLY C 144 6.15 -12.15 11.97
C GLY C 144 7.34 -12.71 11.21
N TYR C 145 7.03 -13.33 10.06
CA TYR C 145 8.11 -13.94 9.27
C TYR C 145 9.14 -12.91 8.83
N LEU C 146 8.72 -11.67 8.53
CA LEU C 146 9.71 -10.64 8.21
C LEU C 146 10.63 -10.37 9.40
N GLY C 147 10.05 -10.24 10.60
CA GLY C 147 10.84 -9.93 11.77
C GLY C 147 11.77 -11.04 12.19
N ARG C 148 11.43 -12.29 11.84
CA ARG C 148 12.29 -13.43 12.10
C ARG C 148 13.34 -13.62 11.03
N GLY C 149 13.33 -12.79 9.99
CA GLY C 149 14.32 -12.89 8.93
C GLY C 149 14.04 -14.00 7.97
N GLU C 150 12.77 -14.37 7.76
CA GLU C 150 12.44 -15.48 6.88
C GLU C 150 12.16 -15.02 5.46
N GLY C 151 11.89 -13.73 5.29
CA GLY C 151 11.62 -13.17 3.98
C GLY C 151 11.91 -11.69 4.01
N ILE C 152 11.84 -11.08 2.84
CA ILE C 152 11.96 -9.64 2.67
C ILE C 152 10.81 -9.20 1.79
N GLU C 153 10.11 -8.13 2.21
CA GLU C 153 8.97 -7.61 1.47
C GLU C 153 9.38 -6.31 0.77
N ALA C 154 8.76 -6.03 -0.37
CA ALA C 154 8.87 -4.69 -0.93
C ALA C 154 7.48 -4.21 -1.34
N GLN C 155 7.28 -2.90 -1.24
CA GLN C 155 6.06 -2.22 -1.64
C GLN C 155 6.43 -1.11 -2.62
N ALA C 156 5.56 -0.84 -3.59
CA ALA C 156 5.88 0.24 -4.50
C ALA C 156 4.62 0.97 -4.94
N ALA C 157 4.80 2.25 -5.29
CA ALA C 157 3.74 3.05 -5.87
C ALA C 157 4.31 3.76 -7.09
N ALA C 158 3.51 3.87 -8.15
CA ALA C 158 3.97 4.51 -9.37
C ALA C 158 2.90 5.41 -9.94
N LEU C 159 3.31 6.58 -10.42
CA LEU C 159 2.41 7.49 -11.12
C LEU C 159 2.84 7.54 -12.58
N VAL C 160 1.87 7.39 -13.50
CA VAL C 160 2.12 7.55 -14.92
C VAL C 160 1.08 8.50 -15.50
N VAL C 161 1.31 8.92 -16.74
CA VAL C 161 0.34 9.77 -17.43
C VAL C 161 0.25 9.28 -18.86
N ARG C 162 -0.97 9.23 -19.40
CA ARG C 162 -1.17 8.80 -20.77
C ARG C 162 -1.08 10.02 -21.67
N GLU C 163 -0.09 10.03 -22.55
CA GLU C 163 0.17 11.19 -23.38
C GLU C 163 -0.50 11.04 -24.74
#